data_4UE7
#
_entry.id   4UE7
#
_cell.length_a   70.262
_cell.length_b   71.483
_cell.length_c   72.440
_cell.angle_alpha   90.00
_cell.angle_beta   100.30
_cell.angle_gamma   90.00
#
_symmetry.space_group_name_H-M   'C 1 2 1'
#
loop_
_entity.id
_entity.type
_entity.pdbx_description
1 polymer 'THROMBIN HEAVY CHAIN'
2 polymer 'HIRUDIN VARIANT-2'
3 polymer 'THROMBIN LIGHT CHAIN'
4 non-polymer 'IODIDE ION'
5 non-polymer GLYCEROL
6 non-polymer 'SODIUM ION'
7 non-polymer 'PHOSPHATE ION'
8 non-polymer 'DIMETHYL SULFOXIDE'
9 non-polymer 1,2-ETHANEDIOL
10 non-polymer piperidine-1-carboximidamide
11 non-polymer 2-acetamido-2-deoxy-beta-D-glucopyranose
12 water water
#
loop_
_entity_poly.entity_id
_entity_poly.type
_entity_poly.pdbx_seq_one_letter_code
_entity_poly.pdbx_strand_id
1 'polypeptide(L)'
;IVEGSDAEIGMSPWQVMLFRKSPQELLCGASLISDRWVLTAAHCLLYPPWDKNFTENDLLVRIGKHSRTRYERNIEKISM
LEKIYIHPRYNWRENLDRDIALMKLKKPVAFSDYIHPVCLPDRETAASLLQAGYKGRVTGWGNLKETWTANVGKGQPSVL
QVVNLPIVERPVCKDSTRIRITDNMFCAGYKPDEGKRGDACEGDSGGPFVMKSPFNNRWYQMGIVSWGEGCDRDGKYGFY
THVFRLKKWIQKVIDQFG
;
H
2 'polypeptide(L)' GDFEEIPEE(TYS)LQ I
3 'polypeptide(L)' EADCGLRPLFEKKSLEDKTERELLESYI L
#
# COMPACT_ATOMS: atom_id res chain seq x y z
N ILE A 1 -9.82 4.94 -3.06
CA ILE A 1 -10.53 3.84 -2.40
C ILE A 1 -12.03 4.06 -2.56
N VAL A 2 -12.73 3.04 -3.05
CA VAL A 2 -14.18 3.06 -3.21
C VAL A 2 -14.83 2.40 -2.01
N GLU A 3 -15.84 3.06 -1.45
CA GLU A 3 -16.66 2.53 -0.39
C GLU A 3 -15.87 2.30 0.91
N GLY A 4 -14.86 3.13 1.13
CA GLY A 4 -14.14 3.15 2.40
C GLY A 4 -14.59 4.28 3.29
N SER A 5 -13.75 4.59 4.25
CA SER A 5 -14.01 5.69 5.16
CA SER A 5 -14.01 5.66 5.21
C SER A 5 -12.74 6.46 5.45
N ASP A 6 -12.90 7.63 6.08
CA ASP A 6 -11.75 8.42 6.47
C ASP A 6 -10.92 7.66 7.49
N ALA A 7 -9.62 7.66 7.29
CA ALA A 7 -8.70 7.12 8.28
C ALA A 7 -8.73 7.94 9.55
N GLU A 8 -8.48 7.27 10.68
CA GLU A 8 -8.16 7.96 11.93
C GLU A 8 -6.74 8.54 11.85
N ILE A 9 -6.50 9.57 12.64
CA ILE A 9 -5.14 10.11 12.74
C ILE A 9 -4.17 9.03 13.26
N GLY A 10 -3.07 8.85 12.55
CA GLY A 10 -2.05 7.88 12.93
C GLY A 10 -2.46 6.42 12.71
N MET A 11 -3.53 6.17 11.97
CA MET A 11 -4.01 4.81 11.76
C MET A 11 -3.10 3.99 10.87
N SER A 12 -2.41 4.66 9.95
CA SER A 12 -1.57 4.00 8.95
CA SER A 12 -1.56 3.99 8.96
C SER A 12 -0.26 4.77 8.83
N PRO A 13 0.58 4.75 9.89
CA PRO A 13 1.72 5.67 9.94
C PRO A 13 2.86 5.28 8.99
N TRP A 14 2.70 4.11 8.35
CA TRP A 14 3.59 3.65 7.30
C TRP A 14 3.13 4.13 5.92
N GLN A 15 1.98 4.79 5.81
CA GLN A 15 1.50 5.26 4.52
CA GLN A 15 1.52 5.17 4.48
C GLN A 15 2.44 6.26 3.89
N VAL A 16 2.73 6.10 2.62
CA VAL A 16 3.58 7.04 1.89
C VAL A 16 2.81 7.49 0.64
N MET A 17 2.92 8.77 0.31
CA MET A 17 2.47 9.31 -0.94
C MET A 17 3.65 9.52 -1.88
N LEU A 18 3.57 8.94 -3.06
CA LEU A 18 4.51 9.27 -4.12
CA LEU A 18 4.51 9.20 -4.16
C LEU A 18 3.98 10.43 -4.90
N PHE A 19 4.80 11.46 -4.97
CA PHE A 19 4.39 12.78 -5.43
C PHE A 19 5.26 13.23 -6.58
N ARG A 20 4.62 13.56 -7.69
CA ARG A 20 5.36 14.05 -8.84
C ARG A 20 5.76 15.51 -8.61
N LYS A 21 7.01 15.84 -8.91
CA LYS A 21 7.50 17.21 -8.73
C LYS A 21 6.88 18.21 -9.67
N SER A 22 6.68 17.83 -10.93
CA SER A 22 6.26 18.79 -11.95
C SER A 22 5.59 18.04 -13.09
N PRO A 23 4.27 18.22 -13.27
CA PRO A 23 3.35 18.98 -12.41
C PRO A 23 3.23 18.32 -11.04
N GLN A 24 2.95 19.13 -10.02
CA GLN A 24 2.79 18.60 -8.67
C GLN A 24 1.47 17.83 -8.59
N GLU A 25 1.57 16.51 -8.40
CA GLU A 25 0.38 15.66 -8.40
C GLU A 25 0.63 14.33 -7.72
N LEU A 26 -0.44 13.66 -7.27
CA LEU A 26 -0.33 12.32 -6.70
C LEU A 26 0.04 11.36 -7.79
N LEU A 27 1.07 10.55 -7.55
CA LEU A 27 1.41 9.49 -8.49
C LEU A 27 0.95 8.11 -8.04
N CYS A 28 1.04 7.81 -6.76
CA CYS A 28 0.79 6.46 -6.27
C CYS A 28 0.88 6.50 -4.76
N GLY A 29 0.44 5.41 -4.15
CA GLY A 29 0.78 5.08 -2.78
C GLY A 29 2.06 4.28 -2.69
N ALA A 30 2.45 4.05 -1.44
CA ALA A 30 3.68 3.37 -1.08
C ALA A 30 3.65 3.14 0.43
N SER A 31 4.66 2.48 0.97
CA SER A 31 4.73 2.21 2.40
C SER A 31 6.15 2.30 2.92
N LEU A 32 6.26 2.68 4.19
CA LEU A 32 7.55 2.81 4.86
C LEU A 32 7.89 1.50 5.57
N ILE A 33 9.02 0.92 5.22
CA ILE A 33 9.47 -0.35 5.80
C ILE A 33 10.71 -0.23 6.69
N SER A 34 11.36 0.94 6.68
CA SER A 34 12.44 1.24 7.61
C SER A 34 12.66 2.73 7.52
N ASP A 35 13.67 3.26 8.22
CA ASP A 35 13.89 4.70 8.16
C ASP A 35 14.41 5.19 6.81
N ARG A 36 14.80 4.28 5.92
CA ARG A 36 15.41 4.67 4.66
C ARG A 36 14.81 3.99 3.42
N TRP A 37 13.87 3.07 3.61
CA TRP A 37 13.32 2.28 2.50
C TRP A 37 11.82 2.38 2.42
N VAL A 38 11.35 2.56 1.20
CA VAL A 38 9.95 2.66 0.86
C VAL A 38 9.62 1.61 -0.20
N LEU A 39 8.51 0.91 0.00
CA LEU A 39 8.04 -0.15 -0.88
C LEU A 39 6.86 0.37 -1.69
N THR A 40 6.80 0.02 -2.99
CA THR A 40 5.69 0.38 -3.83
C THR A 40 5.54 -0.65 -4.93
N ALA A 41 4.60 -0.39 -5.85
CA ALA A 41 4.42 -1.24 -7.05
C ALA A 41 5.37 -0.78 -8.14
N ALA A 42 5.98 -1.73 -8.83
CA ALA A 42 6.80 -1.39 -10.00
C ALA A 42 6.04 -0.55 -11.02
N HIS A 43 4.76 -0.85 -11.26
CA HIS A 43 4.03 -0.13 -12.32
C HIS A 43 3.79 1.33 -11.98
N CYS A 44 3.98 1.73 -10.72
CA CYS A 44 3.97 3.13 -10.35
C CYS A 44 5.13 3.91 -10.93
N LEU A 45 6.22 3.22 -11.20
CA LEU A 45 7.47 3.84 -11.64
C LEU A 45 7.79 3.53 -13.10
N LEU A 46 7.41 2.33 -13.57
CA LEU A 46 7.77 1.86 -14.91
C LEU A 46 6.58 1.16 -15.54
N TYR A 47 6.04 1.76 -16.58
CA TYR A 47 4.97 1.15 -17.34
C TYR A 47 5.05 1.66 -18.78
N PRO A 48 5.90 1.01 -19.61
CA PRO A 48 6.11 1.48 -20.98
C PRO A 48 4.87 1.63 -21.85
N PRO A 49 3.84 0.80 -21.68
CA PRO A 49 2.67 0.99 -22.55
C PRO A 49 2.04 2.37 -22.41
N TRP A 50 2.27 3.03 -21.26
CA TRP A 50 1.75 4.37 -21.01
C TRP A 50 2.88 5.40 -20.99
N ASP A 51 4.04 5.07 -21.54
CA ASP A 51 5.19 5.97 -21.60
C ASP A 51 5.60 6.45 -20.21
N LYS A 52 5.48 5.57 -19.23
CA LYS A 52 5.86 5.88 -17.86
C LYS A 52 7.21 5.24 -17.53
N ASN A 53 8.17 6.08 -17.17
CA ASN A 53 9.46 5.59 -16.74
C ASN A 53 10.13 6.66 -15.92
N PHE A 54 9.72 6.75 -14.66
CA PHE A 54 10.21 7.82 -13.78
C PHE A 54 11.65 7.59 -13.31
N THR A 55 12.41 8.67 -13.21
CA THR A 55 13.73 8.62 -12.61
C THR A 55 13.65 9.20 -11.19
N GLU A 56 14.70 9.02 -10.40
CA GLU A 56 14.71 9.46 -9.00
C GLU A 56 14.36 10.93 -8.85
N ASN A 57 14.89 11.76 -9.74
CA ASN A 57 14.76 13.19 -9.56
C ASN A 57 13.38 13.70 -9.98
N ASP A 58 12.54 12.80 -10.52
CA ASP A 58 11.20 13.20 -10.94
C ASP A 58 10.24 13.24 -9.77
N LEU A 59 10.62 12.63 -8.66
CA LEU A 59 9.67 12.25 -7.62
C LEU A 59 10.08 12.68 -6.24
N LEU A 60 9.08 12.80 -5.37
CA LEU A 60 9.30 12.92 -3.93
C LEU A 60 8.43 11.92 -3.22
N VAL A 61 8.80 11.60 -1.99
CA VAL A 61 7.91 10.84 -1.12
C VAL A 61 7.47 11.72 0.03
N ARG A 62 6.19 11.64 0.37
CA ARG A 62 5.60 12.44 1.45
C ARG A 62 5.08 11.45 2.48
N ILE A 63 5.58 11.55 3.71
CA ILE A 63 5.39 10.56 4.74
C ILE A 63 4.70 11.25 5.93
N GLY A 64 3.82 10.55 6.62
CA GLY A 64 3.10 11.15 7.73
C GLY A 64 1.84 11.90 7.38
N LYS A 65 1.34 11.74 6.15
CA LYS A 65 0.20 12.50 5.71
C LYS A 65 -1.12 11.93 6.12
N HIS A 66 -2.08 12.83 6.14
CA HIS A 66 -3.48 12.53 6.34
C HIS A 66 -4.31 13.21 5.24
N SER A 67 -4.30 14.55 5.20
CA SER A 67 -4.88 15.27 4.09
C SER A 67 -4.24 14.90 2.76
N ARG A 68 -5.05 14.75 1.72
CA ARG A 68 -4.55 14.50 0.38
C ARG A 68 -3.79 15.69 -0.17
N THR A 69 -4.40 16.87 -0.14
CA THR A 69 -3.86 17.97 -0.93
C THR A 69 -3.09 19.02 -0.15
N ARG A 70 -3.28 19.05 1.17
N ARG A 70 -3.25 19.07 1.15
CA ARG A 70 -2.66 20.06 2.03
CA ARG A 70 -2.68 20.19 1.88
C ARG A 70 -1.19 19.77 2.24
C ARG A 70 -1.27 19.83 2.36
N TYR A 71 -0.41 20.83 2.44
CA TYR A 71 0.94 20.68 2.97
C TYR A 71 0.82 20.65 4.51
N GLU A 72 1.07 19.50 5.13
CA GLU A 72 0.77 19.30 6.54
C GLU A 72 1.97 19.67 7.38
N ARG A 73 2.11 21.00 7.53
CA ARG A 73 3.22 21.60 8.22
C ARG A 73 3.37 21.03 9.62
N ASN A 74 4.61 20.73 9.97
CA ASN A 74 5.01 20.19 11.28
C ASN A 74 4.60 18.72 11.51
N ILE A 75 4.04 18.09 10.50
CA ILE A 75 3.54 16.70 10.60
C ILE A 75 4.14 15.83 9.51
N GLU A 76 3.86 16.13 8.25
CA GLU A 76 4.44 15.35 7.16
C GLU A 76 5.91 15.65 7.01
N LYS A 77 6.63 14.69 6.43
CA LYS A 77 8.02 14.88 6.07
C LYS A 77 8.18 14.48 4.62
N ILE A 78 8.95 15.28 3.90
CA ILE A 78 9.14 15.10 2.45
C ILE A 78 10.59 14.69 2.21
N SER A 79 10.75 13.57 1.51
CA SER A 79 12.07 12.99 1.29
C SER A 79 12.36 12.86 -0.21
N MET A 80 13.64 13.09 -0.56
CA MET A 80 14.12 12.83 -1.90
C MET A 80 14.62 11.41 -2.03
N LEU A 81 14.63 10.92 -3.27
CA LEU A 81 15.04 9.56 -3.55
CA LEU A 81 15.03 9.55 -3.56
C LEU A 81 16.50 9.47 -3.94
N GLU A 82 17.22 8.55 -3.30
CA GLU A 82 18.56 8.20 -3.71
C GLU A 82 18.54 7.26 -4.90
N LYS A 83 17.71 6.21 -4.85
CA LYS A 83 17.75 5.21 -5.90
C LYS A 83 16.44 4.41 -5.92
N ILE A 84 16.00 4.08 -7.13
CA ILE A 84 14.87 3.19 -7.39
C ILE A 84 15.40 1.82 -7.78
N TYR A 85 14.78 0.76 -7.25
CA TYR A 85 15.08 -0.62 -7.63
C TYR A 85 13.79 -1.31 -8.02
N ILE A 86 13.73 -1.80 -9.24
CA ILE A 86 12.59 -2.49 -9.82
CA ILE A 86 12.57 -2.52 -9.70
C ILE A 86 12.92 -3.99 -9.84
N HIS A 87 11.98 -4.85 -9.48
CA HIS A 87 12.26 -6.29 -9.57
C HIS A 87 12.71 -6.62 -11.00
N PRO A 88 13.80 -7.39 -11.14
CA PRO A 88 14.35 -7.63 -12.48
C PRO A 88 13.44 -8.47 -13.35
N ARG A 89 12.49 -9.19 -12.75
CA ARG A 89 11.54 -9.99 -13.51
C ARG A 89 10.13 -9.41 -13.45
N TYR A 90 9.99 -8.12 -13.12
CA TYR A 90 8.70 -7.43 -13.25
C TYR A 90 8.21 -7.52 -14.68
N ASN A 91 7.01 -8.07 -14.86
CA ASN A 91 6.45 -8.31 -16.19
C ASN A 91 5.44 -7.23 -16.55
N TRP A 92 5.93 -6.12 -17.08
CA TRP A 92 5.05 -5.05 -17.53
C TRP A 92 4.43 -5.38 -18.89
N ARG A 93 4.97 -6.36 -19.59
CA ARG A 93 4.49 -6.68 -20.93
CA ARG A 93 4.50 -6.69 -20.94
C ARG A 93 3.14 -7.36 -20.92
N GLU A 94 2.90 -8.20 -19.92
CA GLU A 94 1.72 -9.06 -19.91
C GLU A 94 0.74 -8.79 -18.78
N ASN A 95 1.10 -9.16 -17.56
CA ASN A 95 0.13 -9.23 -16.47
C ASN A 95 0.58 -8.59 -15.17
N LEU A 96 1.66 -7.80 -15.20
CA LEU A 96 2.20 -7.16 -14.01
C LEU A 96 2.68 -8.19 -12.98
N ASP A 97 3.13 -9.37 -13.43
CA ASP A 97 3.75 -10.32 -12.51
C ASP A 97 4.95 -9.65 -11.82
N ARG A 98 5.09 -9.90 -10.52
CA ARG A 98 6.21 -9.38 -9.73
C ARG A 98 6.20 -7.85 -9.70
N ASP A 99 5.03 -7.30 -9.38
CA ASP A 99 4.80 -5.85 -9.40
C ASP A 99 5.29 -5.22 -8.11
N ILE A 100 6.61 -5.03 -8.01
CA ILE A 100 7.22 -4.59 -6.76
C ILE A 100 8.47 -3.76 -7.06
N ALA A 101 8.65 -2.72 -6.25
CA ALA A 101 9.83 -1.85 -6.37
C ALA A 101 10.14 -1.29 -4.99
N LEU A 102 11.40 -0.94 -4.82
CA LEU A 102 11.89 -0.29 -3.62
C LEU A 102 12.49 1.06 -3.97
N MET A 103 12.38 2.00 -3.03
CA MET A 103 13.00 3.30 -3.17
C MET A 103 13.81 3.55 -1.91
N LYS A 104 15.09 3.87 -2.08
CA LYS A 104 15.96 4.23 -0.97
C LYS A 104 15.96 5.76 -0.86
N LEU A 105 15.73 6.26 0.34
CA LEU A 105 15.70 7.70 0.57
C LEU A 105 17.10 8.26 0.72
N LYS A 106 17.26 9.52 0.36
CA LYS A 106 18.56 10.16 0.47
C LYS A 106 19.03 10.27 1.92
N LYS A 107 18.10 10.51 2.84
CA LYS A 107 18.43 10.61 4.26
C LYS A 107 17.36 9.85 5.04
N PRO A 108 17.71 9.33 6.22
CA PRO A 108 16.66 8.67 7.01
C PRO A 108 15.55 9.63 7.45
N VAL A 109 14.31 9.14 7.50
CA VAL A 109 13.20 9.94 7.99
C VAL A 109 13.08 9.75 9.49
N ALA A 110 12.74 10.81 10.21
CA ALA A 110 12.53 10.72 11.65
C ALA A 110 11.16 10.14 11.95
N PHE A 111 11.11 9.13 12.81
CA PHE A 111 9.82 8.55 13.20
C PHE A 111 9.10 9.49 14.18
N SER A 112 7.79 9.39 14.23
CA SER A 112 6.96 10.26 15.07
C SER A 112 5.65 9.53 15.35
N ASP A 113 4.71 10.22 15.96
CA ASP A 113 3.36 9.66 16.10
C ASP A 113 2.71 9.32 14.78
N TYR A 114 3.15 10.00 13.72
CA TYR A 114 2.52 9.91 12.40
C TYR A 114 3.33 9.11 11.38
N ILE A 115 4.54 8.74 11.74
CA ILE A 115 5.52 8.13 10.84
C ILE A 115 6.16 6.94 11.53
N HIS A 116 5.91 5.74 11.03
CA HIS A 116 6.39 4.54 11.69
C HIS A 116 6.34 3.39 10.68
N PRO A 117 7.34 2.50 10.66
CA PRO A 117 7.34 1.43 9.63
C PRO A 117 6.39 0.29 9.91
N VAL A 118 5.92 -0.34 8.85
CA VAL A 118 5.17 -1.59 8.90
C VAL A 118 6.13 -2.78 8.86
N CYS A 119 5.71 -3.93 9.38
CA CYS A 119 6.52 -5.12 9.28
C CYS A 119 6.31 -5.82 7.93
N LEU A 120 7.33 -6.51 7.47
CA LEU A 120 7.18 -7.44 6.36
C LEU A 120 6.99 -8.85 6.92
N PRO A 121 6.15 -9.66 6.28
CA PRO A 121 5.83 -10.97 6.85
C PRO A 121 6.99 -11.94 6.77
N ASP A 122 7.05 -12.77 7.81
CA ASP A 122 7.83 -13.99 7.81
C ASP A 122 6.97 -15.09 7.18
N ARG A 123 7.58 -16.23 6.88
CA ARG A 123 6.88 -17.31 6.19
C ARG A 123 5.67 -17.80 6.99
N GLU A 124 5.82 -17.88 8.29
CA GLU A 124 4.78 -18.43 9.15
C GLU A 124 3.57 -17.50 9.27
N THR A 125 3.83 -16.22 9.44
CA THR A 125 2.73 -15.27 9.50
C THR A 125 1.99 -15.25 8.14
N ALA A 126 2.73 -15.30 7.05
CA ALA A 126 2.11 -15.37 5.74
C ALA A 126 1.26 -16.62 5.56
N ALA A 127 1.81 -17.78 5.93
CA ALA A 127 1.06 -19.01 5.79
C ALA A 127 -0.22 -18.98 6.63
N SER A 128 -0.12 -18.42 7.83
CA SER A 128 -1.26 -18.40 8.73
C SER A 128 -2.36 -17.44 8.29
N LEU A 129 -1.97 -16.28 7.77
CA LEU A 129 -2.96 -15.22 7.54
C LEU A 129 -3.45 -15.11 6.11
N LEU A 130 -2.71 -15.61 5.13
CA LEU A 130 -3.14 -15.53 3.72
CA LEU A 130 -3.14 -15.45 3.73
C LEU A 130 -4.10 -16.62 3.37
N GLN A 131 -5.30 -16.52 3.89
CA GLN A 131 -6.34 -17.52 3.75
C GLN A 131 -7.61 -16.84 3.28
N ALA A 132 -8.34 -17.53 2.42
CA ALA A 132 -9.62 -17.03 1.95
C ALA A 132 -10.54 -16.69 3.12
N GLY A 133 -11.15 -15.51 3.05
CA GLY A 133 -12.03 -15.02 4.08
C GLY A 133 -11.36 -14.12 5.09
N TYR A 134 -10.06 -14.27 5.29
CA TYR A 134 -9.34 -13.43 6.23
C TYR A 134 -9.23 -12.04 5.61
N LYS A 135 -9.48 -11.03 6.44
CA LYS A 135 -9.50 -9.65 5.93
C LYS A 135 -8.18 -8.92 6.17
N GLY A 136 -7.83 -8.09 5.20
CA GLY A 136 -6.81 -7.11 5.32
C GLY A 136 -7.36 -5.73 5.08
N ARG A 137 -6.48 -4.74 5.13
CA ARG A 137 -6.85 -3.34 5.10
C ARG A 137 -6.04 -2.67 4.02
N VAL A 138 -6.73 -1.91 3.17
CA VAL A 138 -6.12 -1.16 2.08
C VAL A 138 -6.38 0.31 2.31
N THR A 139 -5.36 1.13 2.08
CA THR A 139 -5.41 2.56 2.34
C THR A 139 -4.88 3.34 1.15
N GLY A 140 -5.41 4.54 0.95
CA GLY A 140 -4.88 5.39 -0.09
C GLY A 140 -5.67 6.66 -0.31
N TRP A 141 -5.14 7.50 -1.20
CA TRP A 141 -5.73 8.78 -1.56
C TRP A 141 -6.27 8.74 -2.98
N GLY A 142 -6.48 7.55 -3.54
CA GLY A 142 -6.98 7.43 -4.90
C GLY A 142 -8.46 7.76 -5.00
N ASN A 143 -8.97 7.61 -6.20
CA ASN A 143 -10.33 8.01 -6.50
C ASN A 143 -11.37 7.26 -5.70
N LEU A 144 -12.48 7.94 -5.45
CA LEU A 144 -13.58 7.39 -4.67
C LEU A 144 -14.55 6.56 -5.50
N LYS A 145 -14.44 6.65 -6.84
CA LYS A 145 -15.32 5.95 -7.76
C LYS A 145 -14.55 5.70 -9.05
N GLU A 146 -14.97 4.66 -9.77
CA GLU A 146 -14.35 4.35 -11.05
C GLU A 146 -14.49 5.51 -12.03
N THR A 147 -15.67 6.13 -12.05
CA THR A 147 -15.95 7.21 -13.00
C THR A 147 -16.56 8.42 -12.30
N GLY A 155 -15.42 12.69 -6.21
CA GLY A 155 -14.42 11.99 -6.99
C GLY A 155 -13.14 11.68 -6.25
N GLN A 156 -12.60 12.66 -5.54
CA GLN A 156 -11.34 12.52 -4.84
C GLN A 156 -11.47 12.89 -3.36
N PRO A 157 -10.75 12.17 -2.49
CA PRO A 157 -10.97 12.37 -1.05
C PRO A 157 -10.23 13.57 -0.44
N SER A 158 -10.79 14.15 0.60
CA SER A 158 -10.08 15.14 1.40
C SER A 158 -8.94 14.53 2.21
N VAL A 159 -9.15 13.33 2.77
CA VAL A 159 -8.14 12.69 3.63
C VAL A 159 -8.01 11.21 3.25
N LEU A 160 -6.94 10.62 3.75
CA LEU A 160 -6.64 9.21 3.53
C LEU A 160 -7.87 8.35 3.78
N GLN A 161 -8.13 7.41 2.88
CA GLN A 161 -9.25 6.49 2.98
C GLN A 161 -8.76 5.10 3.33
N VAL A 162 -9.65 4.34 3.96
CA VAL A 162 -9.36 3.00 4.44
CA VAL A 162 -9.37 3.01 4.49
C VAL A 162 -10.54 2.09 4.15
N VAL A 163 -10.24 0.86 3.75
CA VAL A 163 -11.27 -0.15 3.60
C VAL A 163 -10.69 -1.52 3.98
N ASN A 164 -11.49 -2.33 4.67
CA ASN A 164 -11.11 -3.69 5.02
C ASN A 164 -11.78 -4.64 4.03
N LEU A 165 -11.03 -5.61 3.51
CA LEU A 165 -11.51 -6.49 2.44
C LEU A 165 -11.02 -7.91 2.67
N PRO A 166 -11.86 -8.91 2.39
CA PRO A 166 -11.46 -10.30 2.55
C PRO A 166 -10.64 -10.84 1.37
N ILE A 167 -9.62 -11.63 1.69
CA ILE A 167 -8.91 -12.40 0.69
C ILE A 167 -9.87 -13.39 0.06
N VAL A 168 -9.73 -13.59 -1.25
CA VAL A 168 -10.63 -14.43 -2.03
C VAL A 168 -9.91 -15.72 -2.45
N GLU A 169 -10.68 -16.80 -2.50
CA GLU A 169 -10.22 -18.08 -2.97
C GLU A 169 -9.59 -17.96 -4.36
N ARG A 170 -8.46 -18.64 -4.56
CA ARG A 170 -7.74 -18.48 -5.83
C ARG A 170 -8.57 -18.86 -7.07
N PRO A 171 -9.40 -19.93 -7.03
CA PRO A 171 -10.19 -20.21 -8.23
C PRO A 171 -11.20 -19.12 -8.56
N VAL A 172 -11.73 -18.44 -7.54
CA VAL A 172 -12.67 -17.34 -7.78
C VAL A 172 -11.89 -16.16 -8.39
N CYS A 173 -10.69 -15.86 -7.87
CA CYS A 173 -9.88 -14.82 -8.48
C CYS A 173 -9.64 -15.14 -9.97
N LYS A 174 -9.22 -16.36 -10.25
N LYS A 174 -9.22 -16.36 -10.25
CA LYS A 174 -8.90 -16.77 -11.62
CA LYS A 174 -8.89 -16.77 -11.62
C LYS A 174 -10.11 -16.66 -12.55
C LYS A 174 -10.11 -16.67 -12.55
N ASP A 175 -11.27 -17.08 -12.04
CA ASP A 175 -12.49 -17.13 -12.82
C ASP A 175 -13.14 -15.79 -13.03
N SER A 176 -12.59 -14.74 -12.41
CA SER A 176 -13.14 -13.39 -12.52
C SER A 176 -12.57 -12.57 -13.67
N THR A 177 -11.56 -13.10 -14.36
CA THR A 177 -10.75 -12.32 -15.28
C THR A 177 -10.20 -13.21 -16.38
N ARG A 178 -9.83 -12.58 -17.50
CA ARG A 178 -9.12 -13.26 -18.57
C ARG A 178 -7.60 -13.15 -18.40
N ILE A 179 -7.14 -12.28 -17.51
CA ILE A 179 -5.72 -12.11 -17.29
C ILE A 179 -5.16 -13.35 -16.58
N ARG A 180 -3.94 -13.73 -16.94
CA ARG A 180 -3.25 -14.84 -16.31
C ARG A 180 -2.78 -14.45 -14.91
N ILE A 181 -3.26 -15.17 -13.92
CA ILE A 181 -2.91 -14.90 -12.52
C ILE A 181 -1.71 -15.78 -12.15
N THR A 182 -0.82 -15.28 -11.32
CA THR A 182 0.35 -16.03 -10.91
C THR A 182 0.40 -16.16 -9.39
N ASP A 183 1.31 -17.01 -8.93
CA ASP A 183 1.53 -17.19 -7.51
C ASP A 183 2.06 -15.94 -6.80
N ASN A 184 2.52 -14.98 -7.58
CA ASN A 184 2.99 -13.70 -7.03
C ASN A 184 1.90 -12.67 -6.85
N MET A 185 0.64 -13.10 -6.96
CA MET A 185 -0.54 -12.26 -6.83
C MET A 185 -1.52 -12.93 -5.91
N PHE A 186 -2.33 -12.13 -5.23
CA PHE A 186 -3.56 -12.64 -4.62
C PHE A 186 -4.65 -11.61 -4.89
N CYS A 187 -5.91 -11.99 -4.71
CA CYS A 187 -7.01 -11.03 -4.88
C CYS A 187 -7.87 -10.93 -3.63
N ALA A 188 -8.55 -9.79 -3.51
CA ALA A 188 -9.35 -9.48 -2.34
C ALA A 188 -10.54 -8.63 -2.73
N GLY A 189 -11.59 -8.74 -1.95
CA GLY A 189 -12.83 -8.01 -2.18
C GLY A 189 -14.02 -8.87 -1.86
N TYR A 190 -15.17 -8.25 -1.74
CA TYR A 190 -16.41 -8.97 -1.50
C TYR A 190 -17.00 -9.52 -2.80
N LYS A 191 -17.68 -10.64 -2.68
CA LYS A 191 -18.40 -11.25 -3.79
CA LYS A 191 -18.39 -11.24 -3.80
C LYS A 191 -19.74 -10.54 -3.96
N PRO A 192 -20.34 -10.62 -5.16
CA PRO A 192 -21.64 -9.96 -5.34
C PRO A 192 -22.68 -10.37 -4.30
N ASP A 193 -22.70 -11.65 -3.92
CA ASP A 193 -23.68 -12.15 -2.96
C ASP A 193 -23.40 -11.75 -1.52
N GLU A 194 -22.24 -11.16 -1.26
CA GLU A 194 -21.87 -10.79 0.10
C GLU A 194 -22.37 -9.39 0.50
N GLY A 195 -22.91 -8.64 -0.47
CA GLY A 195 -23.52 -7.35 -0.17
C GLY A 195 -22.56 -6.18 0.03
N LYS A 196 -21.60 -6.34 0.94
CA LYS A 196 -20.65 -5.28 1.24
C LYS A 196 -19.81 -5.04 0.03
N ARG A 197 -19.15 -3.88 0.00
CA ARG A 197 -18.42 -3.46 -1.18
C ARG A 197 -17.07 -2.88 -0.79
N GLY A 198 -16.32 -2.43 -1.79
CA GLY A 198 -15.06 -1.76 -1.55
C GLY A 198 -13.95 -2.25 -2.45
N ASP A 199 -13.05 -1.34 -2.80
CA ASP A 199 -11.91 -1.67 -3.66
C ASP A 199 -10.93 -0.52 -3.61
N ALA A 200 -9.71 -0.81 -4.01
CA ALA A 200 -8.77 0.23 -4.41
C ALA A 200 -9.22 0.81 -5.76
N CYS A 201 -8.67 1.97 -6.11
CA CYS A 201 -8.98 2.60 -7.37
C CYS A 201 -7.77 3.41 -7.85
N GLU A 202 -7.90 4.12 -8.97
N GLU A 202 -7.94 4.15 -8.95
CA GLU A 202 -6.74 4.82 -9.52
CA GLU A 202 -6.87 4.95 -9.52
C GLU A 202 -6.21 5.84 -8.53
C GLU A 202 -6.23 5.86 -8.47
N GLY A 203 -4.90 5.79 -8.35
CA GLY A 203 -4.19 6.57 -7.37
C GLY A 203 -3.81 5.80 -6.12
N ASP A 204 -4.46 4.66 -5.89
CA ASP A 204 -4.15 3.80 -4.75
C ASP A 204 -3.05 2.79 -5.03
N SER A 205 -2.74 2.58 -6.31
CA SER A 205 -1.64 1.68 -6.71
C SER A 205 -0.42 1.91 -5.88
N GLY A 206 0.26 0.83 -5.53
CA GLY A 206 1.49 0.91 -4.79
C GLY A 206 1.34 0.96 -3.28
N GLY A 207 0.15 1.27 -2.81
CA GLY A 207 -0.09 1.31 -1.38
C GLY A 207 -0.25 -0.09 -0.78
N PRO A 208 -0.33 -0.13 0.55
CA PRO A 208 -0.26 -1.41 1.25
C PRO A 208 -1.62 -2.07 1.51
N PHE A 209 -1.59 -3.41 1.48
CA PHE A 209 -2.62 -4.30 2.04
C PHE A 209 -2.00 -4.91 3.28
N VAL A 210 -2.53 -4.53 4.44
CA VAL A 210 -1.96 -4.92 5.71
C VAL A 210 -2.91 -5.80 6.51
N MET A 211 -2.34 -6.62 7.38
CA MET A 211 -3.08 -7.49 8.29
C MET A 211 -2.49 -7.35 9.68
N LYS A 212 -3.31 -7.39 10.71
CA LYS A 212 -2.82 -7.30 12.08
C LYS A 212 -2.71 -8.70 12.65
N SER A 213 -1.48 -9.14 12.89
CA SER A 213 -1.31 -10.50 13.39
C SER A 213 -2.00 -10.68 14.74
N PRO A 214 -2.82 -11.72 14.88
CA PRO A 214 -3.45 -11.97 16.18
C PRO A 214 -2.49 -12.66 17.17
N PHE A 215 -1.32 -13.06 16.68
CA PHE A 215 -0.32 -13.74 17.49
C PHE A 215 0.54 -12.76 18.26
N ASN A 216 0.95 -11.67 17.61
CA ASN A 216 1.85 -10.69 18.22
C ASN A 216 1.38 -9.24 18.16
N ASN A 217 0.17 -8.93 17.73
N ASN A 217 0.18 -9.07 17.61
CA ASN A 217 -0.33 -7.52 17.84
CA ASN A 217 -0.50 -7.79 17.56
C ASN A 217 0.24 -6.58 16.76
C ASN A 217 0.32 -6.70 16.89
N ARG A 218 1.06 -7.08 15.84
CA ARG A 218 1.77 -6.21 14.92
C ARG A 218 1.13 -6.23 13.54
N TRP A 219 1.22 -5.09 12.88
CA TRP A 219 0.77 -4.99 11.49
C TRP A 219 1.85 -5.39 10.51
N TYR A 220 1.43 -6.25 9.57
CA TYR A 220 2.25 -6.78 8.51
C TYR A 220 1.72 -6.38 7.15
N GLN A 221 2.61 -6.05 6.22
CA GLN A 221 2.21 -5.77 4.86
C GLN A 221 2.27 -7.05 4.01
N MET A 222 1.10 -7.59 3.72
CA MET A 222 0.97 -8.79 2.94
CA MET A 222 1.01 -8.80 2.94
C MET A 222 0.90 -8.54 1.45
N GLY A 223 0.39 -7.37 1.06
CA GLY A 223 0.19 -7.08 -0.35
C GLY A 223 0.52 -5.65 -0.71
N ILE A 224 0.63 -5.43 -2.02
CA ILE A 224 0.76 -4.11 -2.62
C ILE A 224 -0.36 -3.95 -3.62
N VAL A 225 -1.08 -2.84 -3.59
CA VAL A 225 -2.12 -2.60 -4.61
C VAL A 225 -1.50 -2.65 -5.99
N SER A 226 -1.93 -3.61 -6.82
CA SER A 226 -1.27 -3.86 -8.10
C SER A 226 -2.17 -3.56 -9.30
N TRP A 227 -3.32 -4.23 -9.44
CA TRP A 227 -4.13 -4.04 -10.64
C TRP A 227 -5.56 -4.44 -10.40
N GLY A 228 -6.41 -4.06 -11.34
CA GLY A 228 -7.80 -4.43 -11.33
C GLY A 228 -8.43 -4.02 -12.65
N GLU A 229 -9.68 -4.37 -12.83
CA GLU A 229 -10.45 -4.03 -14.02
C GLU A 229 -11.60 -3.18 -13.54
N GLY A 230 -11.51 -1.89 -13.80
CA GLY A 230 -12.42 -0.93 -13.18
C GLY A 230 -12.11 -0.76 -11.70
N CYS A 231 -13.10 -0.30 -10.96
CA CYS A 231 -13.02 -0.24 -9.51
C CYS A 231 -14.34 -0.60 -8.91
N ASP A 232 -14.32 -1.51 -7.93
CA ASP A 232 -15.50 -1.92 -7.18
C ASP A 232 -16.61 -2.46 -8.09
N ARG A 233 -16.26 -3.12 -9.18
CA ARG A 233 -17.28 -3.75 -10.01
C ARG A 233 -17.73 -5.06 -9.39
N ASP A 234 -19.02 -5.37 -9.52
CA ASP A 234 -19.50 -6.68 -9.10
C ASP A 234 -18.81 -7.79 -9.89
N GLY A 235 -18.32 -8.80 -9.18
CA GLY A 235 -17.69 -9.92 -9.79
C GLY A 235 -16.24 -9.74 -10.16
N LYS A 236 -15.71 -8.53 -9.95
CA LYS A 236 -14.27 -8.27 -10.10
C LYS A 236 -13.67 -8.14 -8.71
N TYR A 237 -12.35 -8.33 -8.64
CA TYR A 237 -11.61 -8.25 -7.38
C TYR A 237 -10.36 -7.46 -7.60
N GLY A 238 -9.86 -6.82 -6.56
CA GLY A 238 -8.57 -6.19 -6.66
C GLY A 238 -7.46 -7.21 -6.55
N PHE A 239 -6.40 -7.00 -7.33
CA PHE A 239 -5.20 -7.85 -7.27
C PHE A 239 -4.05 -7.12 -6.62
N TYR A 240 -3.31 -7.90 -5.85
CA TYR A 240 -2.28 -7.42 -4.96
C TYR A 240 -1.01 -8.24 -5.18
N THR A 241 0.14 -7.57 -5.15
CA THR A 241 1.42 -8.24 -5.17
C THR A 241 1.60 -9.01 -3.88
N HIS A 242 2.01 -10.27 -3.98
CA HIS A 242 2.24 -11.16 -2.83
C HIS A 242 3.62 -10.86 -2.26
N VAL A 243 3.66 -10.03 -1.23
CA VAL A 243 4.93 -9.52 -0.70
C VAL A 243 5.84 -10.66 -0.22
N PHE A 244 5.30 -11.59 0.56
CA PHE A 244 6.14 -12.64 1.07
C PHE A 244 6.82 -13.42 -0.06
N ARG A 245 6.09 -13.71 -1.14
CA ARG A 245 6.67 -14.47 -2.24
C ARG A 245 7.88 -13.79 -2.87
N LEU A 246 7.97 -12.46 -2.74
CA LEU A 246 9.02 -11.67 -3.36
C LEU A 246 10.02 -11.17 -2.32
N LYS A 247 9.95 -11.70 -1.09
CA LYS A 247 10.76 -11.16 -0.02
C LYS A 247 12.26 -11.43 -0.23
N LYS A 248 12.62 -12.51 -0.92
CA LYS A 248 14.06 -12.77 -1.15
C LYS A 248 14.69 -11.62 -1.94
N TRP A 249 13.95 -11.10 -2.91
CA TRP A 249 14.43 -9.96 -3.69
C TRP A 249 14.55 -8.72 -2.79
N ILE A 250 13.52 -8.46 -1.99
CA ILE A 250 13.56 -7.32 -1.08
C ILE A 250 14.81 -7.37 -0.21
N GLN A 251 15.04 -8.53 0.39
CA GLN A 251 16.16 -8.70 1.31
C GLN A 251 17.47 -8.54 0.57
N LYS A 252 17.56 -9.06 -0.65
CA LYS A 252 18.78 -8.96 -1.44
C LYS A 252 19.13 -7.50 -1.72
N VAL A 253 18.13 -6.70 -2.07
CA VAL A 253 18.36 -5.29 -2.38
C VAL A 253 18.80 -4.53 -1.13
N ILE A 254 18.09 -4.74 -0.03
CA ILE A 254 18.44 -4.03 1.19
C ILE A 254 19.81 -4.47 1.70
N ASP A 255 20.12 -5.76 1.62
CA ASP A 255 21.42 -6.26 2.08
C ASP A 255 22.56 -5.68 1.24
N GLN A 256 22.34 -5.57 -0.08
CA GLN A 256 23.40 -5.14 -1.00
C GLN A 256 23.59 -3.63 -0.97
N PHE A 257 22.49 -2.90 -0.86
CA PHE A 257 22.50 -1.46 -1.10
C PHE A 257 22.16 -0.64 0.12
N GLY A 258 21.76 -1.31 1.21
CA GLY A 258 21.34 -0.63 2.40
C GLY A 258 22.53 -0.22 3.24
C GLY B 1 -4.07 22.47 -8.13
N ASP B 2 -4.47 21.27 -7.75
CA ASP B 2 -5.34 21.11 -6.59
C ASP B 2 -4.53 20.93 -5.29
N PHE B 3 -3.22 20.71 -5.44
CA PHE B 3 -2.35 20.53 -4.30
C PHE B 3 -1.74 21.84 -3.80
N GLU B 4 -1.69 21.98 -2.48
CA GLU B 4 -0.99 23.12 -1.89
C GLU B 4 0.49 23.03 -2.23
N GLU B 5 1.08 24.18 -2.56
CA GLU B 5 2.51 24.25 -2.85
C GLU B 5 3.30 23.71 -1.68
N ILE B 6 4.30 22.90 -1.96
CA ILE B 6 5.19 22.45 -0.90
C ILE B 6 6.35 23.42 -0.82
N PRO B 7 7.07 23.43 0.31
CA PRO B 7 8.23 24.31 0.48
C PRO B 7 9.25 24.10 -0.63
N GLU B 8 9.79 25.22 -1.12
CA GLU B 8 10.70 25.18 -2.26
C GLU B 8 11.96 24.38 -1.97
N GLU B 9 12.34 24.27 -0.70
CA GLU B 9 13.53 23.49 -0.33
C GLU B 9 13.47 22.04 -0.81
N LEU B 11 12.26 21.05 -3.66
CA LEU B 11 12.26 20.99 -5.12
C LEU B 11 13.60 21.38 -5.71
N GLN B 12 14.51 21.84 -4.86
CA GLN B 12 15.82 22.29 -5.32
C GLN B 12 16.69 21.12 -5.75
N GLU C 1 12.33 -3.67 11.26
CA GLU C 1 12.87 -3.19 12.53
C GLU C 1 12.18 -3.81 13.73
N ALA C 2 12.87 -3.74 14.88
CA ALA C 2 12.40 -4.34 16.13
C ALA C 2 11.01 -3.84 16.53
N ASP C 3 10.71 -2.59 16.22
CA ASP C 3 9.48 -1.97 16.63
C ASP C 3 8.43 -1.87 15.50
N CYS C 4 8.66 -2.59 14.42
CA CYS C 4 7.78 -2.46 13.28
C CYS C 4 6.35 -2.82 13.60
N GLY C 5 5.42 -2.17 12.92
CA GLY C 5 4.04 -2.58 12.97
C GLY C 5 3.28 -2.27 14.24
N LEU C 6 3.86 -1.46 15.11
CA LEU C 6 3.24 -1.06 16.36
C LEU C 6 3.05 0.44 16.27
N ARG C 7 1.79 0.89 16.19
CA ARG C 7 1.53 2.31 15.90
C ARG C 7 1.60 3.14 17.16
N PRO C 8 2.32 4.27 17.14
CA PRO C 8 2.38 5.15 18.31
C PRO C 8 1.02 5.53 18.91
N LEU C 9 0.03 5.79 18.07
CA LEU C 9 -1.25 6.28 18.55
C LEU C 9 -2.26 5.17 18.84
N PHE C 10 -1.86 3.92 18.64
CA PHE C 10 -2.74 2.78 18.84
C PHE C 10 -2.05 1.72 19.70
N GLU C 11 -1.36 0.76 19.11
CA GLU C 11 -0.76 -0.32 19.90
C GLU C 11 0.14 0.20 21.01
N LYS C 12 0.93 1.24 20.76
CA LYS C 12 1.86 1.67 21.77
C LYS C 12 1.19 2.24 22.98
N LYS C 13 -0.06 2.70 22.84
CA LYS C 13 -0.90 3.24 23.92
CA LYS C 13 -0.80 3.20 24.00
C LYS C 13 -2.02 2.31 24.35
N SER C 14 -2.03 1.09 23.81
CA SER C 14 -3.15 0.19 24.01
C SER C 14 -4.51 0.80 23.67
N LEU C 15 -4.58 1.49 22.54
CA LEU C 15 -5.84 1.99 22.01
C LEU C 15 -6.11 1.24 20.71
N GLU C 16 -7.37 0.89 20.50
CA GLU C 16 -7.78 0.22 19.27
CA GLU C 16 -7.85 0.17 19.32
C GLU C 16 -8.42 1.18 18.31
N ASP C 17 -8.14 0.98 17.03
CA ASP C 17 -8.80 1.78 16.01
C ASP C 17 -10.23 1.26 15.77
N LYS C 18 -11.02 2.03 15.03
CA LYS C 18 -12.44 1.75 14.96
C LYS C 18 -12.85 0.49 14.22
N THR C 19 -11.97 -0.05 13.39
CA THR C 19 -12.36 -1.23 12.59
C THR C 19 -11.38 -2.41 12.67
N GLU C 20 -10.32 -2.34 13.47
CA GLU C 20 -9.40 -3.47 13.52
C GLU C 20 -10.04 -4.73 14.03
N ARG C 21 -11.08 -4.61 14.85
CA ARG C 21 -11.76 -5.79 15.34
C ARG C 21 -12.40 -6.61 14.20
N GLU C 22 -12.84 -5.93 13.12
CA GLU C 22 -13.37 -6.63 11.95
C GLU C 22 -12.33 -7.58 11.37
N LEU C 23 -11.06 -7.15 11.35
CA LEU C 23 -9.99 -8.02 10.87
C LEU C 23 -9.85 -9.22 11.81
N LEU C 24 -9.72 -8.97 13.11
CA LEU C 24 -9.56 -10.04 14.07
C LEU C 24 -10.68 -11.07 13.95
N GLU C 25 -11.92 -10.61 13.83
CA GLU C 25 -13.06 -11.53 13.76
C GLU C 25 -13.02 -12.41 12.53
N SER C 26 -12.31 -12.00 11.48
CA SER C 26 -12.19 -12.82 10.29
C SER C 26 -11.12 -13.89 10.39
N TYR C 27 -10.27 -13.83 11.40
CA TYR C 27 -9.11 -14.75 11.50
C TYR C 27 -9.57 -15.96 12.32
N ILE C 28 -10.31 -16.84 11.64
CA ILE C 28 -11.08 -17.90 12.27
C ILE C 28 -10.47 -19.26 12.09
#